data_5T1W
#
_entry.id   5T1W
#
_cell.length_a   101.460
_cell.length_b   101.460
_cell.length_c   170.660
_cell.angle_alpha   90.000
_cell.angle_beta   90.000
_cell.angle_gamma   120.000
#
_symmetry.space_group_name_H-M   'P 61 2 2'
#
loop_
_entity.id
_entity.type
_entity.pdbx_description
1 polymer 'Beta-secretase 1'
2 non-polymer (4aR,6R,8aS)-8a-(2,4-difluoro-5-{[(2,2,2-trifluoroethyl)amino]methyl}phenyl)-6-(fluoromethyl)-4,4a,5,6,8,8a-hexahydropyrano[3,4-d][1,3]thiazin-2-amine
3 non-polymer 'IODIDE ION'
4 non-polymer 'SODIUM ION'
5 non-polymer GLYCEROL
6 non-polymer 'DIMETHYL SULFOXIDE'
7 non-polymer 'CHLORIDE ION'
#
_entity_poly.entity_id   1
_entity_poly.type   'polypeptide(L)'
_entity_poly.pdbx_seq_one_letter_code
;ETDEEPEEPGRRGSFVEMVDNLRGKSGQGYYVEMTVGSPPQTLNILVDTGSSNFAVGAAPHPFLHRYYQRQLSSTYRDLR
KGVYVPYTQGKWEGELGTDLVSIPHGPNVTVRANIAAITESDKFFINGSNWEGILGLAYAEIARPDDSLEPFFDSLVKQT
HVPNLFSLQLCGAGFPLNQSEVLASVGGSMIIGGIDHSLYTGSLWYTPIRREWYYEVIIVRVEINGQDLKMDCKEYNYDK
SIVDSGTTNLRLPKKVFEAAVKSIKAASSTEKFPDGFWLGEQLVCWQAGTTPWNIFPVISLYLMGEVTNQSFRITILPQQ
YLRPVEDVATSQDDCYKFAISQSSTGTVMGAVIMEGFYVVFDRARKRIGFAVSACHVHDEFRTAAVEGPFVTLDMEDCGY
NIPQTDESTHHHHHH
;
_entity_poly.pdbx_strand_id   A
#
loop_
_chem_comp.id
_chem_comp.type
_chem_comp.name
_chem_comp.formula
74B non-polymer (4aR,6R,8aS)-8a-(2,4-difluoro-5-{[(2,2,2-trifluoroethyl)amino]methyl}phenyl)-6-(fluoromethyl)-4,4a,5,6,8,8a-hexahydropyrano[3,4-d][1,3]thiazin-2-amine 'C17 H19 F6 N3 O S'
CL non-polymer 'CHLORIDE ION' 'Cl -1'
DMS non-polymer 'DIMETHYL SULFOXIDE' 'C2 H6 O S'
GOL non-polymer GLYCEROL 'C3 H8 O3'
IOD non-polymer 'IODIDE ION' 'I -1'
NA non-polymer 'SODIUM ION' 'Na 1'
#
# COMPACT_ATOMS: atom_id res chain seq x y z
N GLY A 13 22.08 2.90 0.03
CA GLY A 13 21.94 2.28 1.34
C GLY A 13 21.65 3.23 2.49
N SER A 14 21.88 4.55 2.27
CA SER A 14 21.66 5.62 3.24
C SER A 14 21.14 6.90 2.58
N PHE A 15 19.83 7.17 2.78
CA PHE A 15 19.13 8.33 2.23
C PHE A 15 18.46 9.05 3.40
N VAL A 16 19.28 9.60 4.33
CA VAL A 16 18.81 10.33 5.52
C VAL A 16 17.80 11.41 5.20
N GLU A 17 18.09 12.20 4.15
CA GLU A 17 17.28 13.30 3.63
C GLU A 17 15.82 12.89 3.32
N MET A 18 15.55 11.58 3.10
CA MET A 18 14.21 11.04 2.80
C MET A 18 13.61 10.22 3.98
N VAL A 19 14.42 9.77 4.94
CA VAL A 19 13.92 9.00 6.09
C VAL A 19 12.93 9.90 6.83
N ASP A 20 11.71 9.37 7.08
CA ASP A 20 10.62 10.01 7.81
C ASP A 20 9.85 11.09 7.06
N ASN A 21 9.90 11.06 5.72
CA ASN A 21 9.17 12.00 4.84
C ASN A 21 7.65 11.78 4.70
N LEU A 22 7.14 10.66 5.25
CA LEU A 22 5.73 10.32 5.22
C LEU A 22 5.05 10.60 6.57
N ARG A 23 3.78 11.08 6.52
CA ARG A 23 2.93 11.37 7.68
C ARG A 23 1.51 10.89 7.34
N GLY A 24 0.64 10.79 8.33
CA GLY A 24 -0.75 10.37 8.12
C GLY A 24 -1.49 10.05 9.41
N LYS A 25 -2.79 9.71 9.29
CA LYS A 25 -3.61 9.30 10.44
C LYS A 25 -3.98 7.84 10.19
N SER A 26 -4.22 7.08 11.25
CA SER A 26 -4.65 5.68 11.14
C SER A 26 -5.99 5.62 10.31
N GLY A 27 -5.95 4.91 9.19
CA GLY A 27 -7.10 4.76 8.29
C GLY A 27 -7.27 5.86 7.25
N GLN A 28 -6.40 6.88 7.24
CA GLN A 28 -6.50 7.94 6.25
C GLN A 28 -5.31 7.91 5.26
N GLY A 29 -4.53 6.82 5.32
CA GLY A 29 -3.38 6.59 4.46
C GLY A 29 -2.10 7.34 4.82
N TYR A 30 -1.03 7.17 4.01
CA TYR A 30 0.29 7.76 4.19
C TYR A 30 0.49 8.83 3.14
N TYR A 31 1.05 9.98 3.51
CA TYR A 31 1.30 11.06 2.56
C TYR A 31 2.68 11.69 2.66
N VAL A 32 3.19 12.10 1.50
CA VAL A 32 4.46 12.75 1.30
C VAL A 32 4.18 14.17 0.81
N GLU A 33 5.08 15.11 1.13
CA GLU A 33 4.96 16.51 0.70
C GLU A 33 5.61 16.67 -0.70
N MET A 34 4.83 17.16 -1.65
CA MET A 34 5.28 17.45 -3.01
C MET A 34 5.09 18.97 -3.32
N THR A 35 5.73 19.48 -4.38
CA THR A 35 5.57 20.90 -4.77
C THR A 35 5.25 20.91 -6.22
N VAL A 36 4.12 21.52 -6.59
N VAL A 36 4.13 21.55 -6.59
CA VAL A 36 3.67 21.58 -7.99
CA VAL A 36 3.62 21.60 -7.95
C VAL A 36 3.68 23.01 -8.54
C VAL A 36 3.70 23.03 -8.52
N GLY A 37 4.22 23.18 -9.74
CA GLY A 37 4.29 24.46 -10.44
C GLY A 37 5.37 25.47 -10.14
N SER A 38 5.32 26.61 -10.88
CA SER A 38 6.26 27.74 -10.81
C SER A 38 5.57 29.10 -10.57
N PRO A 39 5.71 29.73 -9.36
CA PRO A 39 6.45 29.29 -8.17
C PRO A 39 5.87 28.00 -7.56
N PRO A 40 6.68 27.26 -6.77
CA PRO A 40 6.17 25.98 -6.23
C PRO A 40 5.01 26.14 -5.26
N GLN A 41 3.98 25.33 -5.48
CA GLN A 41 2.81 25.21 -4.61
C GLN A 41 2.93 23.90 -3.85
N THR A 42 3.10 23.98 -2.51
CA THR A 42 3.19 22.81 -1.63
C THR A 42 1.79 22.22 -1.47
N LEU A 43 1.76 20.89 -1.47
CA LEU A 43 0.58 20.06 -1.28
C LEU A 43 1.01 18.77 -0.57
N ASN A 44 0.12 18.17 0.23
CA ASN A 44 0.36 16.84 0.81
C ASN A 44 -0.27 15.84 -0.11
N ILE A 45 0.52 14.91 -0.66
CA ILE A 45 0.04 13.93 -1.64
C ILE A 45 0.08 12.52 -1.13
N LEU A 46 -1.07 11.80 -1.26
CA LEU A 46 -1.24 10.40 -0.82
C LEU A 46 -0.43 9.39 -1.63
N VAL A 47 0.41 8.60 -0.95
CA VAL A 47 1.25 7.57 -1.57
C VAL A 47 0.47 6.29 -1.83
N ASP A 48 0.05 6.12 -3.07
CA ASP A 48 -0.78 5.01 -3.52
C ASP A 48 -0.14 4.09 -4.60
N THR A 49 0.19 2.83 -4.21
CA THR A 49 0.71 1.81 -5.13
C THR A 49 -0.46 1.10 -5.86
N GLY A 50 -1.69 1.40 -5.44
CA GLY A 50 -2.90 0.83 -6.02
C GLY A 50 -3.34 1.45 -7.34
N SER A 51 -3.09 2.76 -7.53
CA SER A 51 -3.46 3.53 -8.72
C SER A 51 -2.24 4.07 -9.48
N SER A 52 -2.43 4.51 -10.75
CA SER A 52 -1.38 5.02 -11.65
C SER A 52 -1.48 6.51 -12.06
N ASN A 53 -2.47 7.26 -11.54
CA ASN A 53 -2.65 8.67 -11.86
C ASN A 53 -2.19 9.57 -10.70
N PHE A 54 -1.48 10.68 -11.09
CA PHE A 54 -1.08 11.80 -10.25
C PHE A 54 -2.17 12.85 -10.53
N ALA A 55 -2.98 13.07 -9.49
CA ALA A 55 -4.18 13.88 -9.47
C ALA A 55 -4.22 14.61 -8.13
N VAL A 56 -4.39 15.91 -8.17
CA VAL A 56 -4.46 16.75 -6.98
C VAL A 56 -5.77 17.56 -7.05
N GLY A 57 -6.24 18.01 -5.90
CA GLY A 57 -7.44 18.85 -5.86
C GLY A 57 -7.11 20.19 -6.48
N ALA A 58 -7.98 20.67 -7.40
CA ALA A 58 -7.80 21.94 -8.11
C ALA A 58 -8.93 22.96 -7.85
N ALA A 59 -9.91 22.58 -7.03
CA ALA A 59 -11.05 23.42 -6.72
C ALA A 59 -11.25 23.48 -5.20
N PRO A 60 -11.83 24.58 -4.67
CA PRO A 60 -11.99 24.71 -3.21
C PRO A 60 -12.99 23.79 -2.49
N HIS A 61 -12.78 22.45 -2.56
CA HIS A 61 -13.59 21.45 -1.85
C HIS A 61 -13.42 21.74 -0.32
N PRO A 62 -14.54 21.73 0.45
CA PRO A 62 -14.47 22.05 1.89
C PRO A 62 -13.55 21.19 2.77
N PHE A 63 -13.36 19.90 2.41
CA PHE A 63 -12.49 19.01 3.19
C PHE A 63 -11.03 19.39 3.08
N LEU A 64 -10.63 20.00 1.94
CA LEU A 64 -9.27 20.37 1.54
C LEU A 64 -8.61 21.52 2.26
N HIS A 65 -7.36 21.30 2.71
CA HIS A 65 -6.49 22.26 3.40
C HIS A 65 -5.95 23.29 2.42
N ARG A 66 -5.44 22.81 1.27
CA ARG A 66 -4.87 23.55 0.17
C ARG A 66 -5.26 22.89 -1.15
N TYR A 67 -4.89 23.52 -2.32
CA TYR A 67 -5.22 23.00 -3.67
C TYR A 67 -4.46 23.72 -4.80
N TYR A 68 -4.28 23.01 -5.94
CA TYR A 68 -3.61 23.44 -7.16
C TYR A 68 -4.37 24.58 -7.86
N GLN A 69 -3.75 25.74 -7.88
CA GLN A 69 -4.24 26.95 -8.52
C GLN A 69 -3.40 27.15 -9.76
N ARG A 70 -3.84 26.54 -10.87
CA ARG A 70 -3.16 26.60 -12.17
C ARG A 70 -2.97 28.03 -12.71
N GLN A 71 -3.80 28.98 -12.22
CA GLN A 71 -3.77 30.40 -12.59
C GLN A 71 -2.45 31.06 -12.17
N LEU A 72 -1.81 30.50 -11.12
CA LEU A 72 -0.58 31.00 -10.49
C LEU A 72 0.71 30.32 -10.93
N SER A 73 0.63 29.32 -11.85
CA SER A 73 1.81 28.60 -12.30
C SER A 73 2.28 28.97 -13.67
N SER A 74 3.47 29.60 -13.73
CA SER A 74 4.12 30.06 -14.97
C SER A 74 4.45 28.88 -15.91
N THR A 75 4.65 27.69 -15.34
CA THR A 75 5.04 26.50 -16.08
C THR A 75 3.90 25.52 -16.36
N TYR A 76 2.64 25.94 -16.08
CA TYR A 76 1.46 25.10 -16.35
C TYR A 76 1.22 24.97 -17.87
N ARG A 77 0.92 23.75 -18.32
CA ARG A 77 0.63 23.47 -19.72
C ARG A 77 -0.69 22.74 -19.85
N ASP A 78 -1.61 23.26 -20.66
CA ASP A 78 -2.88 22.56 -20.75
C ASP A 78 -2.83 21.45 -21.80
N LEU A 79 -3.26 20.24 -21.40
CA LEU A 79 -3.32 19.08 -22.28
C LEU A 79 -4.62 19.04 -23.07
N ARG A 80 -5.60 19.92 -22.69
CA ARG A 80 -6.93 20.08 -23.30
C ARG A 80 -7.64 18.74 -23.45
N LYS A 81 -7.62 17.95 -22.36
CA LYS A 81 -8.21 16.62 -22.28
C LYS A 81 -8.76 16.41 -20.85
N GLY A 82 -9.91 15.77 -20.77
CA GLY A 82 -10.53 15.46 -19.51
C GLY A 82 -10.28 14.01 -19.16
N VAL A 83 -10.41 13.70 -17.86
CA VAL A 83 -10.22 12.35 -17.33
C VAL A 83 -11.36 12.05 -16.37
N TYR A 84 -11.99 10.88 -16.51
CA TYR A 84 -13.14 10.49 -15.68
C TYR A 84 -12.84 9.16 -15.01
N VAL A 85 -12.72 9.19 -13.68
CA VAL A 85 -12.30 8.03 -12.92
C VAL A 85 -13.32 7.48 -11.89
N PRO A 86 -14.38 6.79 -12.32
CA PRO A 86 -15.22 6.11 -11.34
C PRO A 86 -14.44 4.86 -10.89
N TYR A 87 -14.72 4.41 -9.65
CA TYR A 87 -14.12 3.25 -9.00
C TYR A 87 -15.08 2.77 -7.91
N THR A 88 -14.89 1.56 -7.38
CA THR A 88 -15.80 0.91 -6.44
C THR A 88 -16.35 1.78 -5.32
N GLN A 89 -15.46 2.43 -4.54
CA GLN A 89 -15.91 3.19 -3.38
C GLN A 89 -15.99 4.72 -3.54
N GLY A 90 -16.03 5.19 -4.78
CA GLY A 90 -16.10 6.63 -5.04
C GLY A 90 -15.93 7.01 -6.48
N LYS A 91 -15.58 8.28 -6.75
CA LYS A 91 -15.39 8.81 -8.11
C LYS A 91 -14.55 10.08 -8.11
N TRP A 92 -13.65 10.19 -9.09
CA TRP A 92 -12.91 11.42 -9.32
C TRP A 92 -12.85 11.83 -10.81
N GLU A 93 -12.88 13.14 -11.09
CA GLU A 93 -12.77 13.68 -12.44
C GLU A 93 -12.05 15.02 -12.44
N GLY A 94 -11.35 15.29 -13.53
CA GLY A 94 -10.57 16.49 -13.70
C GLY A 94 -10.00 16.69 -15.08
N GLU A 95 -9.29 17.80 -15.21
CA GLU A 95 -8.65 18.28 -16.43
C GLU A 95 -7.17 17.92 -16.46
N LEU A 96 -6.73 17.31 -17.56
CA LEU A 96 -5.32 16.93 -17.72
C LEU A 96 -4.45 18.14 -18.09
N GLY A 97 -3.17 18.09 -17.70
CA GLY A 97 -2.17 19.13 -17.94
C GLY A 97 -0.81 18.73 -17.38
N THR A 98 0.24 19.49 -17.70
CA THR A 98 1.61 19.21 -17.25
C THR A 98 2.23 20.40 -16.51
N ASP A 99 3.05 20.11 -15.49
CA ASP A 99 3.73 21.15 -14.70
C ASP A 99 4.96 20.62 -13.97
N LEU A 100 5.81 21.54 -13.50
CA LEU A 100 7.03 21.15 -12.81
C LEU A 100 6.74 20.69 -11.40
N VAL A 101 7.21 19.50 -11.06
CA VAL A 101 6.97 18.87 -9.76
C VAL A 101 8.30 18.47 -9.14
N SER A 102 8.45 18.73 -7.85
CA SER A 102 9.64 18.34 -7.11
C SER A 102 9.16 17.80 -5.75
N ILE A 103 10.04 17.08 -5.01
CA ILE A 103 9.72 16.47 -3.72
C ILE A 103 10.67 17.09 -2.64
N PRO A 104 10.18 18.08 -1.86
CA PRO A 104 11.05 18.69 -0.84
C PRO A 104 11.94 17.72 -0.09
N HIS A 105 11.38 16.58 0.43
CA HIS A 105 12.17 15.57 1.16
C HIS A 105 12.34 14.29 0.37
N GLY A 106 12.77 14.44 -0.87
CA GLY A 106 13.02 13.35 -1.81
C GLY A 106 14.25 13.63 -2.62
N PRO A 107 14.43 13.00 -3.82
CA PRO A 107 15.61 13.32 -4.64
C PRO A 107 15.61 14.81 -5.01
N ASN A 108 16.81 15.40 -5.11
CA ASN A 108 17.00 16.81 -5.47
C ASN A 108 16.94 17.02 -7.01
N VAL A 109 15.73 16.91 -7.56
CA VAL A 109 15.40 17.01 -9.01
C VAL A 109 14.03 17.67 -9.19
N THR A 110 13.73 18.17 -10.40
CA THR A 110 12.44 18.78 -10.74
C THR A 110 11.96 18.13 -12.03
N VAL A 111 10.72 17.64 -12.06
CA VAL A 111 10.26 16.96 -13.27
C VAL A 111 9.02 17.51 -13.90
N ARG A 112 8.93 17.47 -15.26
CA ARG A 112 7.70 17.87 -15.92
C ARG A 112 6.87 16.60 -15.93
N ALA A 113 5.75 16.64 -15.21
CA ALA A 113 4.90 15.47 -15.05
C ALA A 113 3.46 15.81 -15.34
N ASN A 114 2.67 14.78 -15.78
CA ASN A 114 1.24 14.89 -16.05
C ASN A 114 0.54 15.06 -14.70
N ILE A 115 -0.44 15.98 -14.64
CA ILE A 115 -1.23 16.25 -13.43
C ILE A 115 -2.68 16.36 -13.85
N ALA A 116 -3.54 15.59 -13.18
CA ALA A 116 -4.98 15.71 -13.43
C ALA A 116 -5.47 16.66 -12.37
N ALA A 117 -6.07 17.77 -12.80
CA ALA A 117 -6.58 18.77 -11.87
C ALA A 117 -8.00 18.32 -11.49
N ILE A 118 -8.18 17.70 -10.28
CA ILE A 118 -9.48 17.22 -9.75
C ILE A 118 -10.48 18.42 -9.62
N THR A 119 -11.61 18.33 -10.35
CA THR A 119 -12.64 19.37 -10.45
C THR A 119 -14.06 18.93 -9.97
N GLU A 120 -14.30 17.63 -9.85
CA GLU A 120 -15.52 17.04 -9.28
C GLU A 120 -15.15 15.71 -8.65
N SER A 121 -15.70 15.44 -7.48
CA SER A 121 -15.42 14.22 -6.76
C SER A 121 -16.64 13.80 -5.89
N ASP A 122 -16.64 12.52 -5.51
CA ASP A 122 -17.61 11.93 -4.62
C ASP A 122 -16.87 10.85 -3.87
N LYS A 123 -16.96 10.88 -2.52
CA LYS A 123 -16.32 9.92 -1.62
C LYS A 123 -14.82 9.75 -1.91
N PHE A 124 -14.20 10.77 -2.52
CA PHE A 124 -12.78 10.70 -2.83
C PHE A 124 -11.94 11.25 -1.70
N PHE A 125 -12.08 12.55 -1.40
CA PHE A 125 -11.31 13.19 -0.34
C PHE A 125 -11.93 12.82 0.96
N ILE A 126 -11.05 12.56 1.96
CA ILE A 126 -11.47 12.18 3.31
C ILE A 126 -11.67 13.41 4.20
N ASN A 127 -12.87 13.61 4.79
CA ASN A 127 -13.13 14.73 5.72
C ASN A 127 -12.34 14.46 7.00
N GLY A 128 -11.34 15.30 7.25
CA GLY A 128 -10.45 15.19 8.38
C GLY A 128 -9.03 14.83 8.00
N SER A 129 -8.79 14.44 6.74
CA SER A 129 -7.46 14.05 6.27
C SER A 129 -6.58 15.30 6.05
N ASN A 130 -5.28 15.08 5.77
CA ASN A 130 -4.39 16.21 5.53
C ASN A 130 -3.71 16.13 4.17
N TRP A 131 -4.38 15.54 3.19
CA TRP A 131 -3.90 15.46 1.80
C TRP A 131 -4.91 16.02 0.81
N GLU A 132 -4.44 16.43 -0.37
CA GLU A 132 -5.23 17.11 -1.38
C GLU A 132 -5.10 16.42 -2.71
N GLY A 133 -4.16 15.50 -2.80
CA GLY A 133 -3.96 14.76 -4.04
C GLY A 133 -3.48 13.35 -3.83
N ILE A 134 -3.34 12.61 -4.93
CA ILE A 134 -2.90 11.23 -4.90
C ILE A 134 -1.74 11.02 -5.85
N LEU A 135 -0.76 10.21 -5.40
CA LEU A 135 0.38 9.85 -6.23
C LEU A 135 0.25 8.38 -6.67
N GLY A 136 -0.20 8.18 -7.90
CA GLY A 136 -0.33 6.85 -8.44
C GLY A 136 1.01 6.25 -8.82
N LEU A 137 1.53 5.35 -7.97
CA LEU A 137 2.85 4.75 -8.16
C LEU A 137 2.85 3.46 -8.98
N ALA A 138 1.68 3.02 -9.44
CA ALA A 138 1.61 1.81 -10.26
C ALA A 138 1.89 2.11 -11.75
N TYR A 139 1.70 1.12 -12.60
CA TYR A 139 2.10 1.21 -14.00
C TYR A 139 1.10 1.83 -14.93
N ALA A 140 1.56 2.35 -16.11
CA ALA A 140 0.67 2.97 -17.12
C ALA A 140 -0.52 2.12 -17.53
N GLU A 141 -0.36 0.77 -17.68
CA GLU A 141 -1.45 -0.13 -18.07
C GLU A 141 -2.84 0.22 -17.46
N ILE A 142 -2.86 0.53 -16.13
CA ILE A 142 -4.06 0.93 -15.36
C ILE A 142 -4.26 2.46 -15.17
N ALA A 143 -3.41 3.31 -15.79
CA ALA A 143 -3.54 4.78 -15.70
C ALA A 143 -4.72 5.21 -16.51
N ARG A 144 -5.43 6.23 -16.04
CA ARG A 144 -6.61 6.74 -16.75
C ARG A 144 -6.30 8.01 -17.55
N PRO A 145 -6.89 8.23 -18.74
CA PRO A 145 -7.83 7.37 -19.49
C PRO A 145 -7.23 6.16 -20.24
N ASP A 146 -5.89 6.12 -20.43
CA ASP A 146 -5.15 5.08 -21.13
C ASP A 146 -3.67 5.09 -20.79
N ASP A 147 -2.98 3.96 -21.08
CA ASP A 147 -1.54 3.76 -20.90
C ASP A 147 -0.67 4.83 -21.54
N SER A 148 -1.23 5.67 -22.43
CA SER A 148 -0.50 6.77 -23.08
C SER A 148 -0.27 7.93 -22.12
N LEU A 149 -0.86 7.88 -20.90
CA LEU A 149 -0.68 8.94 -19.92
C LEU A 149 0.39 8.45 -18.98
N GLU A 150 1.61 8.94 -19.22
CA GLU A 150 2.81 8.54 -18.48
C GLU A 150 2.69 8.86 -17.00
N PRO A 151 2.70 7.82 -16.11
CA PRO A 151 2.64 8.07 -14.67
C PRO A 151 3.87 8.81 -14.17
N PHE A 152 3.77 9.46 -13.00
CA PHE A 152 4.84 10.24 -12.37
C PHE A 152 6.18 9.51 -12.27
N PHE A 153 6.19 8.26 -11.73
CA PHE A 153 7.44 7.54 -11.57
C PHE A 153 8.12 7.25 -12.88
N ASP A 154 7.34 6.96 -13.93
CA ASP A 154 7.85 6.71 -15.26
C ASP A 154 8.48 8.03 -15.76
N SER A 155 7.78 9.18 -15.55
CA SER A 155 8.30 10.49 -15.92
C SER A 155 9.61 10.75 -15.14
N LEU A 156 9.61 10.45 -13.83
CA LEU A 156 10.78 10.64 -12.97
C LEU A 156 12.07 9.94 -13.49
N VAL A 157 12.04 8.61 -13.70
CA VAL A 157 13.20 7.85 -14.16
C VAL A 157 13.64 8.27 -15.59
N LYS A 158 12.66 8.52 -16.51
CA LYS A 158 12.92 8.92 -17.89
C LYS A 158 13.69 10.27 -17.98
N GLN A 159 13.40 11.24 -17.08
CA GLN A 159 13.98 12.59 -17.08
C GLN A 159 15.17 12.81 -16.11
N THR A 160 15.59 11.77 -15.36
CA THR A 160 16.66 11.96 -14.37
C THR A 160 17.60 10.76 -14.28
N HIS A 161 18.55 10.85 -13.32
CA HIS A 161 19.46 9.76 -13.03
C HIS A 161 18.98 8.93 -11.84
N VAL A 162 17.71 9.17 -11.41
CA VAL A 162 17.06 8.45 -10.31
C VAL A 162 16.86 6.97 -10.73
N PRO A 163 17.44 6.00 -9.98
CA PRO A 163 17.20 4.58 -10.32
C PRO A 163 15.70 4.23 -10.24
N ASN A 164 15.26 3.25 -11.05
CA ASN A 164 13.86 2.79 -11.18
C ASN A 164 13.53 1.86 -9.99
N LEU A 165 13.49 2.47 -8.81
CA LEU A 165 13.26 1.76 -7.56
C LEU A 165 12.70 2.74 -6.56
N PHE A 166 11.87 2.25 -5.66
CA PHE A 166 11.35 2.99 -4.51
C PHE A 166 10.99 1.99 -3.45
N SER A 167 11.15 2.40 -2.21
CA SER A 167 10.87 1.54 -1.07
C SER A 167 10.07 2.33 -0.05
N LEU A 168 9.11 1.66 0.56
CA LEU A 168 8.27 2.28 1.57
C LEU A 168 8.38 1.53 2.90
N GLN A 169 8.44 2.32 3.97
CA GLN A 169 8.38 1.85 5.33
C GLN A 169 7.21 2.61 5.95
N LEU A 170 6.04 1.95 6.08
CA LEU A 170 4.79 2.46 6.66
C LEU A 170 4.85 1.98 8.09
N CYS A 171 4.63 2.89 9.04
CA CYS A 171 4.85 2.53 10.44
C CYS A 171 3.70 2.31 11.41
N GLY A 172 2.51 2.85 11.17
CA GLY A 172 1.40 2.61 12.09
C GLY A 172 1.57 3.19 13.50
N ALA A 173 0.87 2.59 14.50
CA ALA A 173 0.82 3.00 15.93
C ALA A 173 2.17 3.42 16.55
N SER A 185 -1.44 9.50 15.52
CA SER A 185 -0.81 9.80 14.23
C SER A 185 0.35 8.86 13.90
N VAL A 186 0.55 8.62 12.58
CA VAL A 186 1.55 7.72 12.01
C VAL A 186 2.61 8.42 11.17
N GLY A 187 3.60 7.64 10.73
CA GLY A 187 4.70 8.09 9.88
C GLY A 187 5.31 6.93 9.11
N GLY A 188 6.37 7.25 8.36
CA GLY A 188 7.08 6.29 7.53
C GLY A 188 8.10 6.97 6.65
N SER A 189 8.74 6.21 5.73
CA SER A 189 9.77 6.69 4.77
C SER A 189 9.51 6.22 3.34
N MET A 190 9.60 7.14 2.40
CA MET A 190 9.54 6.77 1.01
C MET A 190 10.93 7.03 0.43
N ILE A 191 11.69 5.96 0.19
CA ILE A 191 13.01 6.13 -0.39
C ILE A 191 12.87 6.06 -1.89
N ILE A 192 13.01 7.22 -2.57
CA ILE A 192 12.92 7.29 -4.02
C ILE A 192 14.33 7.07 -4.61
N GLY A 193 14.44 6.01 -5.43
CA GLY A 193 15.65 5.60 -6.14
C GLY A 193 16.62 4.82 -5.30
N GLY A 194 16.11 4.01 -4.37
CA GLY A 194 17.00 3.24 -3.52
C GLY A 194 16.42 2.63 -2.28
N ILE A 195 17.31 2.02 -1.51
CA ILE A 195 17.03 1.32 -0.26
C ILE A 195 17.83 1.97 0.87
N ASP A 196 17.25 2.05 2.08
CA ASP A 196 17.93 2.50 3.28
C ASP A 196 17.94 1.30 4.25
N HIS A 197 19.15 0.85 4.62
CA HIS A 197 19.38 -0.35 5.44
C HIS A 197 18.94 -0.24 6.86
N SER A 198 18.86 1.01 7.38
CA SER A 198 18.39 1.26 8.75
C SER A 198 16.89 0.94 8.95
N LEU A 199 16.11 0.89 7.84
CA LEU A 199 14.67 0.73 7.91
C LEU A 199 14.22 -0.72 8.06
N TYR A 200 15.18 -1.65 8.00
CA TYR A 200 14.84 -3.06 8.11
C TYR A 200 15.95 -3.88 8.76
N THR A 201 15.51 -4.94 9.42
CA THR A 201 16.38 -5.91 10.07
C THR A 201 16.43 -7.09 9.09
N GLY A 202 17.44 -7.96 9.25
CA GLY A 202 17.64 -9.20 8.51
C GLY A 202 17.68 -9.02 7.02
N SER A 203 17.39 -10.12 6.31
CA SER A 203 17.41 -10.17 4.85
C SER A 203 16.12 -9.75 4.16
N LEU A 204 16.26 -9.32 2.90
CA LEU A 204 15.17 -8.92 2.02
C LEU A 204 14.96 -10.12 1.11
N TRP A 205 13.72 -10.56 0.98
CA TRP A 205 13.37 -11.69 0.13
C TRP A 205 12.49 -11.10 -0.95
N TYR A 206 12.77 -11.42 -2.23
CA TYR A 206 12.04 -10.83 -3.38
C TYR A 206 11.05 -11.74 -4.05
N THR A 207 9.85 -11.22 -4.36
CA THR A 207 8.86 -11.98 -5.13
C THR A 207 8.76 -11.33 -6.53
N PRO A 208 8.71 -12.07 -7.67
CA PRO A 208 8.58 -11.38 -8.98
C PRO A 208 7.21 -10.69 -9.19
N ILE A 209 7.22 -9.49 -9.79
CA ILE A 209 6.01 -8.75 -10.16
C ILE A 209 5.41 -9.52 -11.39
N ARG A 210 4.31 -10.31 -11.20
CA ARG A 210 3.71 -11.14 -12.27
C ARG A 210 3.48 -10.33 -13.54
N ARG A 211 2.71 -9.25 -13.43
CA ARG A 211 2.48 -8.32 -14.52
C ARG A 211 2.68 -6.86 -14.03
N GLU A 212 3.01 -5.98 -14.96
CA GLU A 212 3.24 -4.57 -14.70
C GLU A 212 1.99 -3.77 -15.04
N TRP A 213 1.06 -3.72 -14.08
CA TRP A 213 -0.19 -2.96 -14.13
C TRP A 213 -0.39 -2.45 -12.73
N TYR A 214 -0.85 -3.32 -11.84
CA TYR A 214 -0.90 -3.14 -10.41
C TYR A 214 0.43 -3.78 -9.99
N TYR A 215 0.78 -3.76 -8.70
CA TYR A 215 1.99 -4.47 -8.30
C TYR A 215 1.51 -5.89 -7.96
N GLU A 216 1.36 -6.72 -9.03
CA GLU A 216 0.79 -8.07 -9.00
C GLU A 216 1.78 -9.15 -8.61
N VAL A 217 1.51 -9.77 -7.47
CA VAL A 217 2.34 -10.82 -6.89
C VAL A 217 1.55 -12.12 -6.80
N ILE A 218 2.20 -13.25 -6.44
CA ILE A 218 1.51 -14.54 -6.30
C ILE A 218 1.68 -15.14 -4.89
N ILE A 219 0.56 -15.34 -4.15
CA ILE A 219 0.51 -16.03 -2.86
C ILE A 219 0.41 -17.53 -3.20
N VAL A 220 1.36 -18.33 -2.68
CA VAL A 220 1.43 -19.78 -2.99
C VAL A 220 0.88 -20.73 -1.92
N ARG A 221 0.85 -20.27 -0.65
CA ARG A 221 0.43 -21.05 0.53
C ARG A 221 0.02 -20.09 1.63
N VAL A 222 -1.04 -20.42 2.38
CA VAL A 222 -1.48 -19.61 3.52
C VAL A 222 -1.48 -20.48 4.78
N GLU A 223 -0.86 -19.98 5.86
CA GLU A 223 -0.86 -20.70 7.14
C GLU A 223 -1.40 -19.82 8.27
N ILE A 224 -2.17 -20.42 9.21
CA ILE A 224 -2.69 -19.74 10.40
C ILE A 224 -2.05 -20.41 11.60
N ASN A 225 -1.02 -19.74 12.16
CA ASN A 225 -0.18 -20.27 13.24
C ASN A 225 0.51 -21.55 12.76
N GLY A 226 1.00 -21.50 11.52
CA GLY A 226 1.65 -22.63 10.89
C GLY A 226 0.70 -23.64 10.29
N GLN A 227 -0.55 -23.71 10.78
CA GLN A 227 -1.58 -24.63 10.25
C GLN A 227 -2.04 -24.11 8.88
N ASP A 228 -1.60 -24.79 7.82
CA ASP A 228 -1.90 -24.45 6.42
C ASP A 228 -3.42 -24.42 6.16
N LEU A 229 -3.90 -23.48 5.32
CA LEU A 229 -5.33 -23.34 5.00
C LEU A 229 -5.82 -24.45 4.09
N LYS A 230 -4.86 -25.15 3.41
CA LYS A 230 -5.09 -26.31 2.50
C LYS A 230 -6.07 -26.07 1.35
N MET A 231 -5.99 -24.89 0.74
CA MET A 231 -6.81 -24.48 -0.38
C MET A 231 -6.00 -24.56 -1.63
N ASP A 232 -6.66 -24.69 -2.79
CA ASP A 232 -5.97 -24.69 -4.07
C ASP A 232 -5.45 -23.26 -4.21
N CYS A 233 -4.15 -23.11 -4.42
CA CYS A 233 -3.48 -21.82 -4.44
C CYS A 233 -3.97 -20.81 -5.47
N LYS A 234 -4.78 -21.25 -6.45
CA LYS A 234 -5.36 -20.34 -7.45
C LYS A 234 -6.41 -19.46 -6.76
N GLU A 235 -7.05 -19.99 -5.68
CA GLU A 235 -8.08 -19.33 -4.85
C GLU A 235 -7.49 -18.12 -4.16
N TYR A 236 -6.26 -18.21 -3.65
CA TYR A 236 -5.53 -17.12 -2.98
C TYR A 236 -5.29 -15.91 -3.89
N ASN A 237 -5.31 -16.10 -5.20
CA ASN A 237 -5.00 -15.06 -6.17
C ASN A 237 -6.14 -14.84 -7.18
N TYR A 238 -7.40 -15.14 -6.77
CA TYR A 238 -8.58 -14.97 -7.60
C TYR A 238 -9.19 -13.61 -7.28
N ASP A 239 -9.15 -12.64 -8.23
CA ASP A 239 -8.61 -12.79 -9.60
C ASP A 239 -7.13 -12.32 -9.71
N LYS A 240 -6.66 -11.57 -8.71
CA LYS A 240 -5.30 -11.04 -8.67
C LYS A 240 -4.85 -10.93 -7.23
N SER A 241 -3.56 -10.64 -7.01
CA SER A 241 -3.00 -10.34 -5.69
C SER A 241 -2.11 -9.15 -5.91
N ILE A 242 -2.37 -8.07 -5.18
CA ILE A 242 -1.63 -6.81 -5.36
C ILE A 242 -1.10 -6.27 -4.04
N VAL A 243 -0.04 -5.45 -4.13
CA VAL A 243 0.56 -4.73 -2.98
C VAL A 243 0.09 -3.27 -3.09
N ASP A 244 -0.91 -2.87 -2.25
CA ASP A 244 -1.58 -1.55 -2.30
C ASP A 244 -1.45 -0.66 -1.04
N SER A 245 -0.62 0.42 -1.11
CA SER A 245 -0.48 1.35 0.02
C SER A 245 -1.75 2.19 0.28
N GLY A 246 -2.58 2.34 -0.75
CA GLY A 246 -3.85 3.06 -0.71
C GLY A 246 -5.07 2.26 -0.25
N THR A 247 -4.83 1.20 0.56
CA THR A 247 -5.82 0.32 1.21
C THR A 247 -5.34 -0.02 2.64
N THR A 248 -6.17 0.28 3.66
CA THR A 248 -5.92 -0.02 5.09
C THR A 248 -5.80 -1.56 5.37
N ASN A 249 -6.90 -2.29 5.16
CA ASN A 249 -7.06 -3.71 5.41
C ASN A 249 -6.24 -4.62 4.53
N LEU A 250 -6.09 -5.89 5.00
CA LEU A 250 -5.60 -7.01 4.23
C LEU A 250 -6.93 -7.57 3.73
N ARG A 251 -7.16 -7.46 2.42
CA ARG A 251 -8.38 -7.93 1.79
C ARG A 251 -8.09 -9.24 1.10
N LEU A 252 -8.94 -10.23 1.34
CA LEU A 252 -8.78 -11.59 0.82
C LEU A 252 -9.97 -12.04 0.02
N PRO A 253 -9.76 -12.89 -1.01
CA PRO A 253 -10.91 -13.39 -1.76
C PRO A 253 -11.96 -14.03 -0.85
N LYS A 254 -13.24 -13.88 -1.20
CA LYS A 254 -14.37 -14.40 -0.41
C LYS A 254 -14.13 -15.84 0.12
N LYS A 255 -13.91 -16.84 -0.78
CA LYS A 255 -13.67 -18.23 -0.31
C LYS A 255 -12.51 -18.33 0.74
N VAL A 256 -11.38 -17.63 0.48
CA VAL A 256 -10.17 -17.57 1.29
C VAL A 256 -10.47 -16.92 2.67
N PHE A 257 -11.25 -15.80 2.68
CA PHE A 257 -11.65 -15.07 3.89
C PHE A 257 -12.41 -15.98 4.88
N GLU A 258 -13.33 -16.80 4.34
CA GLU A 258 -14.14 -17.72 5.13
C GLU A 258 -13.27 -18.72 5.80
N ALA A 259 -12.27 -19.24 5.06
CA ALA A 259 -11.33 -20.24 5.55
C ALA A 259 -10.43 -19.67 6.65
N ALA A 260 -9.93 -18.43 6.46
CA ALA A 260 -9.07 -17.71 7.37
C ALA A 260 -9.82 -17.42 8.67
N VAL A 261 -11.09 -16.96 8.59
CA VAL A 261 -11.86 -16.63 9.77
C VAL A 261 -12.20 -17.88 10.60
N LYS A 262 -12.50 -19.01 9.93
CA LYS A 262 -12.79 -20.27 10.63
C LYS A 262 -11.57 -20.61 11.50
N SER A 263 -10.40 -20.70 10.86
CA SER A 263 -9.09 -20.94 11.42
C SER A 263 -8.73 -19.93 12.54
N ILE A 264 -8.88 -18.62 12.28
CA ILE A 264 -8.55 -17.59 13.25
C ILE A 264 -9.43 -17.78 14.45
N LYS A 265 -10.79 -17.88 14.24
CA LYS A 265 -11.79 -18.14 15.30
C LYS A 265 -11.33 -19.35 16.10
N ALA A 266 -11.02 -20.49 15.43
CA ALA A 266 -10.55 -21.71 16.09
C ALA A 266 -9.36 -21.46 17.06
N ALA A 267 -8.23 -20.94 16.51
CA ALA A 267 -7.00 -20.57 17.20
C ALA A 267 -7.22 -19.71 18.41
N SER A 268 -8.26 -18.86 18.41
CA SER A 268 -8.50 -17.92 19.51
C SER A 268 -9.64 -18.25 20.47
N SER A 269 -10.26 -19.46 20.36
CA SER A 269 -11.39 -19.88 21.20
C SER A 269 -11.32 -19.64 22.72
N THR A 270 -10.11 -19.37 23.28
CA THR A 270 -9.84 -19.04 24.71
C THR A 270 -10.73 -17.88 25.22
N GLU A 271 -11.06 -16.98 24.28
CA GLU A 271 -11.94 -15.83 24.42
C GLU A 271 -12.99 -15.90 23.30
N LYS A 272 -14.18 -15.33 23.56
CA LYS A 272 -15.26 -15.35 22.59
C LYS A 272 -15.55 -13.94 22.11
N PHE A 273 -16.00 -13.81 20.85
CA PHE A 273 -16.28 -12.53 20.20
C PHE A 273 -17.55 -12.63 19.37
N PRO A 274 -18.35 -11.55 19.27
CA PRO A 274 -19.56 -11.61 18.43
C PRO A 274 -19.25 -11.93 16.96
N ASP A 275 -20.19 -12.59 16.27
CA ASP A 275 -20.04 -12.98 14.85
C ASP A 275 -19.79 -11.78 13.92
N GLY A 276 -20.39 -10.64 14.29
CA GLY A 276 -20.25 -9.38 13.58
C GLY A 276 -18.90 -8.71 13.72
N PHE A 277 -18.02 -9.25 14.58
CA PHE A 277 -16.67 -8.71 14.77
C PHE A 277 -15.73 -9.10 13.58
N TRP A 278 -15.82 -10.35 13.12
CA TRP A 278 -15.00 -10.87 12.04
C TRP A 278 -15.41 -10.27 10.73
N LEU A 279 -16.67 -9.78 10.70
CA LEU A 279 -17.29 -9.11 9.55
C LEU A 279 -16.98 -7.60 9.57
N GLY A 280 -16.27 -7.15 10.59
CA GLY A 280 -15.89 -5.76 10.74
C GLY A 280 -16.98 -4.83 11.26
N GLU A 281 -18.22 -5.35 11.44
CA GLU A 281 -19.40 -4.62 11.94
C GLU A 281 -19.31 -4.18 13.44
N GLN A 282 -18.45 -4.84 14.24
CA GLN A 282 -18.32 -4.52 15.67
C GLN A 282 -16.87 -4.39 16.10
N LEU A 283 -16.68 -3.87 17.29
CA LEU A 283 -15.37 -3.74 17.89
C LEU A 283 -15.29 -4.66 19.10
N VAL A 284 -14.07 -4.81 19.62
CA VAL A 284 -13.79 -5.61 20.80
C VAL A 284 -12.92 -4.76 21.66
N CYS A 285 -13.33 -4.61 22.93
CA CYS A 285 -12.63 -3.79 23.90
C CYS A 285 -12.05 -4.58 25.07
N TRP A 286 -10.91 -4.13 25.54
CA TRP A 286 -10.23 -4.70 26.70
C TRP A 286 -9.81 -3.53 27.58
N GLN A 287 -9.66 -3.77 28.89
CA GLN A 287 -9.20 -2.72 29.82
C GLN A 287 -7.86 -2.22 29.31
N ALA A 288 -7.64 -0.90 29.35
CA ALA A 288 -6.42 -0.27 28.84
C ALA A 288 -5.12 -1.11 29.02
N GLY A 289 -4.54 -1.46 27.88
CA GLY A 289 -3.31 -2.23 27.80
C GLY A 289 -3.34 -3.61 28.42
N THR A 290 -4.50 -4.29 28.39
CA THR A 290 -4.67 -5.65 28.90
C THR A 290 -5.09 -6.56 27.74
N THR A 291 -4.67 -6.21 26.51
CA THR A 291 -4.98 -6.92 25.27
C THR A 291 -4.32 -8.31 25.27
N PRO A 292 -5.12 -9.34 24.97
CA PRO A 292 -4.59 -10.71 24.98
C PRO A 292 -3.93 -11.15 23.66
N TRP A 293 -3.05 -10.29 23.07
CA TRP A 293 -2.29 -10.52 21.83
C TRP A 293 -1.92 -11.98 21.63
N ASN A 294 -1.35 -12.59 22.71
CA ASN A 294 -0.88 -13.96 22.77
C ASN A 294 -1.93 -15.01 22.42
N ILE A 295 -3.24 -14.67 22.50
CA ILE A 295 -4.35 -15.59 22.18
C ILE A 295 -4.61 -15.67 20.67
N PHE A 296 -4.23 -14.61 19.94
CA PHE A 296 -4.44 -14.51 18.51
C PHE A 296 -3.32 -15.15 17.71
N PRO A 297 -3.67 -15.86 16.61
CA PRO A 297 -2.65 -16.50 15.80
C PRO A 297 -1.86 -15.51 14.95
N VAL A 298 -0.74 -15.98 14.36
CA VAL A 298 0.04 -15.17 13.42
C VAL A 298 -0.47 -15.61 12.06
N ILE A 299 -0.40 -14.72 11.08
CA ILE A 299 -0.85 -15.01 9.71
C ILE A 299 0.34 -15.03 8.78
N SER A 300 0.47 -16.11 7.99
CA SER A 300 1.56 -16.25 7.05
C SER A 300 1.10 -16.31 5.59
N LEU A 301 1.73 -15.50 4.76
CA LEU A 301 1.45 -15.52 3.34
C LEU A 301 2.74 -15.94 2.67
N TYR A 302 2.72 -17.14 2.05
CA TYR A 302 3.90 -17.63 1.32
C TYR A 302 3.80 -17.01 -0.08
N LEU A 303 4.85 -16.29 -0.49
CA LEU A 303 4.87 -15.65 -1.81
C LEU A 303 5.87 -16.38 -2.68
N MET A 304 5.57 -16.50 -4.00
CA MET A 304 6.42 -17.13 -5.01
C MET A 304 7.86 -16.54 -4.99
N GLY A 305 8.84 -17.39 -4.80
CA GLY A 305 10.22 -16.93 -4.73
C GLY A 305 10.81 -16.54 -6.06
N GLU A 306 12.08 -16.05 -6.01
CA GLU A 306 12.89 -15.66 -7.16
C GLU A 306 13.31 -16.81 -8.09
N VAL A 307 13.40 -18.03 -7.55
CA VAL A 307 13.87 -19.24 -8.24
C VAL A 307 12.73 -20.26 -8.37
N THR A 308 12.75 -21.03 -9.48
CA THR A 308 11.81 -22.13 -9.74
C THR A 308 11.72 -22.99 -8.47
N ASN A 309 10.51 -23.40 -8.11
CA ASN A 309 10.20 -24.23 -6.93
C ASN A 309 10.58 -23.67 -5.54
N GLN A 310 11.02 -22.41 -5.47
CA GLN A 310 11.41 -21.78 -4.21
C GLN A 310 10.42 -20.71 -3.81
N SER A 311 10.08 -20.65 -2.51
CA SER A 311 9.23 -19.60 -1.95
C SER A 311 9.88 -19.04 -0.67
N PHE A 312 9.12 -18.22 0.07
CA PHE A 312 9.47 -17.55 1.33
C PHE A 312 8.14 -17.08 1.97
N ARG A 313 8.16 -16.72 3.23
CA ARG A 313 6.92 -16.33 3.84
C ARG A 313 7.02 -15.08 4.67
N ILE A 314 5.94 -14.31 4.64
CA ILE A 314 5.83 -13.08 5.41
C ILE A 314 4.81 -13.37 6.49
N THR A 315 5.19 -13.12 7.75
CA THR A 315 4.38 -13.41 8.93
C THR A 315 3.98 -12.11 9.66
N ILE A 316 2.70 -11.93 9.86
CA ILE A 316 2.19 -10.73 10.54
C ILE A 316 1.56 -11.10 11.88
N LEU A 317 1.56 -10.17 12.83
CA LEU A 317 1.00 -10.39 14.16
C LEU A 317 -0.42 -9.81 14.31
N PRO A 318 -1.18 -10.18 15.38
CA PRO A 318 -2.46 -9.48 15.63
C PRO A 318 -2.28 -7.96 15.73
N GLN A 319 -1.05 -7.50 16.10
CA GLN A 319 -0.69 -6.08 16.19
C GLN A 319 -0.95 -5.37 14.88
N GLN A 320 -0.73 -6.09 13.76
CA GLN A 320 -0.97 -5.66 12.39
C GLN A 320 -2.47 -5.80 11.94
N TYR A 321 -3.15 -6.90 12.31
CA TYR A 321 -4.54 -7.13 11.85
C TYR A 321 -5.68 -6.64 12.73
N LEU A 322 -5.39 -6.38 14.02
CA LEU A 322 -6.36 -5.83 14.97
C LEU A 322 -6.02 -4.37 15.05
N ARG A 323 -6.70 -3.59 14.18
CA ARG A 323 -6.51 -2.14 14.03
C ARG A 323 -7.28 -1.36 15.15
N PRO A 324 -6.56 -0.65 16.06
CA PRO A 324 -7.25 0.08 17.14
C PRO A 324 -8.10 1.25 16.63
N VAL A 325 -9.31 1.40 17.20
CA VAL A 325 -10.31 2.43 16.90
C VAL A 325 -10.38 3.44 18.06
N ASP A 333 -9.92 1.81 28.69
CA ASP A 333 -10.70 0.87 27.86
C ASP A 333 -10.32 0.91 26.33
N ASP A 334 -9.34 0.07 25.93
CA ASP A 334 -8.82 -0.09 24.56
C ASP A 334 -9.78 -0.87 23.62
N CYS A 335 -10.08 -0.32 22.40
CA CYS A 335 -10.94 -1.00 21.41
C CYS A 335 -10.29 -1.17 20.05
N TYR A 336 -10.53 -2.33 19.44
CA TYR A 336 -9.94 -2.71 18.14
C TYR A 336 -10.98 -3.14 17.11
N LYS A 337 -10.62 -3.02 15.83
CA LYS A 337 -11.41 -3.44 14.67
C LYS A 337 -10.67 -4.61 13.98
N PHE A 338 -11.41 -5.63 13.50
CA PHE A 338 -10.79 -6.74 12.76
C PHE A 338 -10.50 -6.20 11.35
N ALA A 339 -9.21 -5.91 11.07
CA ALA A 339 -8.75 -5.36 9.82
C ALA A 339 -8.41 -6.39 8.68
N ILE A 340 -9.11 -7.53 8.69
CA ILE A 340 -9.04 -8.53 7.63
C ILE A 340 -10.45 -8.57 7.01
N SER A 341 -10.55 -8.45 5.67
CA SER A 341 -11.87 -8.46 5.07
C SER A 341 -12.00 -9.19 3.74
N GLN A 342 -13.25 -9.61 3.41
CA GLN A 342 -13.59 -10.31 2.16
C GLN A 342 -13.54 -9.36 1.00
N SER A 343 -12.91 -9.80 -0.10
CA SER A 343 -12.71 -9.05 -1.34
C SER A 343 -13.33 -9.73 -2.55
N SER A 344 -13.82 -8.92 -3.49
CA SER A 344 -14.35 -9.42 -4.76
C SER A 344 -13.40 -9.04 -5.89
N THR A 345 -12.19 -8.55 -5.57
CA THR A 345 -11.16 -8.12 -6.53
C THR A 345 -9.80 -8.79 -6.24
N GLY A 346 -9.84 -9.85 -5.43
CA GLY A 346 -8.66 -10.64 -5.09
C GLY A 346 -7.95 -10.12 -3.88
N THR A 347 -6.77 -10.71 -3.57
CA THR A 347 -5.99 -10.26 -2.41
C THR A 347 -5.43 -8.86 -2.58
N VAL A 348 -5.67 -8.01 -1.56
CA VAL A 348 -5.13 -6.67 -1.52
C VAL A 348 -4.21 -6.63 -0.26
N MET A 349 -2.90 -6.68 -0.50
CA MET A 349 -1.98 -6.57 0.62
C MET A 349 -1.87 -5.09 0.88
N GLY A 350 -2.74 -4.61 1.76
CA GLY A 350 -2.81 -3.20 2.17
C GLY A 350 -1.88 -2.83 3.29
N ALA A 351 -2.28 -1.81 4.07
CA ALA A 351 -1.50 -1.30 5.22
C ALA A 351 -1.25 -2.35 6.33
N VAL A 352 -2.28 -3.21 6.66
CA VAL A 352 -2.22 -4.34 7.63
C VAL A 352 -0.99 -5.24 7.35
N ILE A 353 -0.58 -5.36 6.08
CA ILE A 353 0.58 -6.15 5.65
C ILE A 353 1.83 -5.27 5.58
N MET A 354 1.71 -4.08 4.96
CA MET A 354 2.81 -3.16 4.74
C MET A 354 3.39 -2.53 6.00
N GLU A 355 2.63 -2.49 7.11
CA GLU A 355 3.06 -1.90 8.38
C GLU A 355 3.97 -2.84 9.19
N GLY A 356 4.01 -4.10 8.78
CA GLY A 356 4.87 -5.11 9.37
C GLY A 356 6.19 -5.25 8.63
N PHE A 357 6.30 -4.70 7.37
CA PHE A 357 7.50 -4.86 6.52
C PHE A 357 8.05 -3.63 5.80
N TYR A 358 9.34 -3.70 5.44
CA TYR A 358 10.02 -2.73 4.58
C TYR A 358 9.77 -3.26 3.16
N VAL A 359 9.04 -2.51 2.32
CA VAL A 359 8.70 -3.02 1.01
C VAL A 359 9.47 -2.33 -0.12
N VAL A 360 10.29 -3.10 -0.86
CA VAL A 360 11.07 -2.56 -1.97
C VAL A 360 10.31 -2.80 -3.29
N PHE A 361 10.12 -1.76 -4.11
CA PHE A 361 9.46 -1.89 -5.41
C PHE A 361 10.54 -1.82 -6.47
N ASP A 362 11.28 -2.96 -6.64
CA ASP A 362 12.42 -3.05 -7.58
C ASP A 362 11.86 -3.21 -8.97
N ARG A 363 11.41 -2.06 -9.50
CA ARG A 363 10.83 -1.89 -10.83
C ARG A 363 11.78 -2.30 -11.94
N ALA A 364 13.08 -2.05 -11.76
CA ALA A 364 14.12 -2.44 -12.73
C ALA A 364 14.16 -3.96 -12.90
N ARG A 365 14.15 -4.66 -11.80
CA ARG A 365 14.23 -6.09 -11.86
C ARG A 365 12.88 -6.79 -11.82
N LYS A 366 11.77 -6.04 -12.08
CA LYS A 366 10.40 -6.57 -12.14
C LYS A 366 10.14 -7.54 -10.95
N ARG A 367 10.47 -7.05 -9.70
CA ARG A 367 10.35 -7.79 -8.42
C ARG A 367 10.11 -6.88 -7.23
N ILE A 368 9.55 -7.45 -6.14
CA ILE A 368 9.19 -6.78 -4.87
C ILE A 368 9.83 -7.52 -3.72
N GLY A 369 10.68 -6.81 -2.99
CA GLY A 369 11.38 -7.31 -1.82
C GLY A 369 10.62 -7.03 -0.53
N PHE A 370 10.74 -7.92 0.47
CA PHE A 370 10.11 -7.82 1.79
C PHE A 370 11.15 -8.11 2.85
N ALA A 371 11.18 -7.31 3.90
CA ALA A 371 12.08 -7.48 5.05
C ALA A 371 11.36 -6.92 6.26
N VAL A 372 11.66 -7.43 7.46
CA VAL A 372 11.07 -6.99 8.74
C VAL A 372 11.30 -5.48 8.93
N SER A 373 10.19 -4.69 9.09
CA SER A 373 10.25 -3.22 9.31
C SER A 373 10.98 -2.93 10.64
N ALA A 374 11.92 -1.98 10.68
CA ALA A 374 12.59 -1.67 11.96
C ALA A 374 11.64 -0.92 12.90
N CYS A 375 10.47 -0.53 12.36
CA CYS A 375 9.45 0.24 13.06
C CYS A 375 8.15 -0.54 13.29
N HIS A 376 8.09 -1.84 12.92
CA HIS A 376 6.87 -2.64 13.09
C HIS A 376 6.50 -2.80 14.57
N VAL A 377 5.20 -2.92 14.84
CA VAL A 377 4.64 -3.07 16.18
C VAL A 377 4.60 -4.54 16.53
N HIS A 378 5.08 -4.90 17.74
CA HIS A 378 5.20 -6.27 18.24
C HIS A 378 5.40 -6.31 19.78
N ASP A 379 5.19 -7.49 20.39
CA ASP A 379 5.32 -7.80 21.81
C ASP A 379 6.62 -8.51 22.13
N GLU A 380 6.94 -8.66 23.43
CA GLU A 380 8.17 -9.33 23.91
C GLU A 380 8.25 -10.84 23.59
N PHE A 381 7.27 -11.39 22.85
CA PHE A 381 7.23 -12.82 22.55
C PHE A 381 7.22 -13.17 21.08
N ARG A 382 6.66 -12.31 20.22
CA ARG A 382 6.58 -12.55 18.77
C ARG A 382 6.91 -11.27 17.97
N THR A 383 7.56 -11.44 16.81
CA THR A 383 7.86 -10.34 15.88
C THR A 383 7.34 -10.70 14.47
N ALA A 384 7.13 -9.71 13.60
CA ALA A 384 6.80 -10.00 12.21
C ALA A 384 8.08 -10.66 11.60
N ALA A 385 7.89 -11.65 10.71
CA ALA A 385 9.04 -12.30 10.12
C ALA A 385 8.96 -12.46 8.61
N VAL A 386 10.13 -12.50 7.99
CA VAL A 386 10.32 -12.83 6.59
C VAL A 386 11.32 -13.96 6.63
N GLU A 387 10.82 -15.22 6.56
CA GLU A 387 11.63 -16.43 6.62
C GLU A 387 11.71 -17.11 5.25
N GLY A 388 12.84 -17.75 4.96
CA GLY A 388 13.09 -18.45 3.71
C GLY A 388 14.35 -19.30 3.68
N PRO A 389 14.53 -20.23 2.72
CA PRO A 389 13.65 -20.52 1.58
C PRO A 389 12.76 -21.74 1.82
N PHE A 390 11.73 -21.89 1.01
CA PHE A 390 10.88 -23.05 1.13
C PHE A 390 10.79 -23.78 -0.23
N VAL A 391 10.29 -25.03 -0.19
CA VAL A 391 10.13 -25.92 -1.34
C VAL A 391 8.66 -25.95 -1.65
N THR A 392 8.25 -25.23 -2.71
CA THR A 392 6.86 -25.12 -3.16
C THR A 392 6.76 -25.39 -4.65
N LEU A 393 5.99 -26.42 -4.99
CA LEU A 393 5.79 -26.86 -6.38
C LEU A 393 4.58 -26.23 -7.06
N ASP A 394 4.68 -26.06 -8.41
CA ASP A 394 3.63 -25.51 -9.29
C ASP A 394 3.14 -24.13 -8.80
N MET A 395 4.09 -23.26 -8.52
CA MET A 395 3.76 -21.93 -8.02
C MET A 395 3.13 -21.12 -9.12
N GLU A 396 3.49 -21.41 -10.41
CA GLU A 396 2.92 -20.81 -11.63
C GLU A 396 1.43 -21.13 -11.72
N ASP A 397 1.03 -22.34 -11.28
CA ASP A 397 -0.37 -22.80 -11.25
C ASP A 397 -1.29 -22.00 -10.28
N CYS A 398 -0.70 -21.17 -9.41
CA CYS A 398 -1.39 -20.32 -8.42
C CYS A 398 -1.85 -19.01 -9.04
N GLY A 399 -1.32 -18.69 -10.21
CA GLY A 399 -1.70 -17.51 -10.96
C GLY A 399 -3.07 -17.75 -11.56
N TYR A 400 -3.82 -16.68 -11.77
CA TYR A 400 -5.15 -16.78 -12.35
C TYR A 400 -5.10 -16.15 -13.71
N ASN A 401 -5.74 -16.79 -14.71
CA ASN A 401 -5.74 -16.24 -16.06
C ASN A 401 -7.09 -15.70 -16.57
O1 74B B . -7.47 4.84 -7.05
C2 74B B . -7.71 6.51 -1.11
C3 74B B . -8.73 7.41 -1.26
C4 74B B . -9.40 7.57 -2.45
C5 74B B . -9.02 6.78 -3.49
C6 74B B . -8.02 5.82 -3.41
C7 74B B . -7.74 4.84 -4.58
C10 74B B . -9.14 3.33 -6.20
C12 74B B . -9.26 2.94 -3.68
C13 74B B . -6.46 2.84 -4.04
C16 74B B . -7.52 4.29 1.60
C17 74B B . -6.83 4.74 2.93
C14 74B B . -8.56 3.58 -8.60
C8 74B B . -7.38 5.66 -5.87
C1 74B B . -7.35 5.72 -2.20
C9 74B B . -8.77 4.31 -7.29
C11 74B B . -9.05 3.96 -4.80
S1 74B B . -7.84 1.85 -3.44
N1 74B B . -6.50 4.07 -4.47
N2 74B B . -5.32 2.15 -3.97
F1 74B B . -8.31 4.54 -9.54
F2 74B B . -9.61 7.01 -4.69
F3 74B B . -9.15 8.10 -0.17
C15 74B B . -7.04 6.33 0.23
N3 74B B . -6.73 4.93 0.55
F4 74B B . -7.05 6.02 3.18
F5 74B B . -7.30 4.07 3.98
F6 74B B . -5.52 4.53 2.91
I IOD C . -13.75 18.42 -6.14
I IOD D . -18.03 12.56 5.27
I IOD E . -15.48 -17.27 -4.33
NA NA F . -17.77 -6.28 -2.12
NA NA G . 19.89 -3.81 7.19
C1 GOL H . -3.20 3.11 8.79
O1 GOL H . -1.93 3.38 9.40
C2 GOL H . -3.19 3.51 7.33
O2 GOL H . -3.19 4.92 7.19
C3 GOL H . -4.38 2.96 6.59
O3 GOL H . -4.04 2.75 5.23
C1 GOL I . 17.89 -3.43 -5.10
O1 GOL I . 17.03 -4.59 -5.03
C2 GOL I . 19.20 -3.68 -5.82
O2 GOL I . 19.83 -2.43 -6.07
C3 GOL I . 18.96 -4.38 -7.13
O3 GOL I . 20.05 -4.20 -8.02
C1 GOL J . -13.26 6.67 -18.94
O1 GOL J . -13.72 6.41 -17.61
C2 GOL J . -11.78 7.00 -18.97
O2 GOL J . -11.07 6.11 -18.09
C3 GOL J . -11.49 8.44 -18.59
O3 GOL J . -11.83 9.34 -19.64
S DMS K . 6.03 14.80 -19.43
O DMS K . 6.11 13.50 -20.10
C1 DMS K . 6.27 16.06 -20.66
C2 DMS K . 4.31 14.94 -19.21
CL CL L . 23.95 0.19 -0.40
CL CL M . -10.36 -19.69 -9.43
#